data_6CK4
#
_entry.id   6CK4
#
_cell.length_a   53.252
_cell.length_b   62.147
_cell.length_c   125.909
_cell.angle_alpha   91.180
_cell.angle_beta   89.610
_cell.angle_gamma   101.940
#
_symmetry.space_group_name_H-M   'P 1'
#
loop_
_entity.id
_entity.type
_entity.pdbx_description
1 polymer 'PRPP riboswitch'
2 non-polymer "GUANOSINE-5'-TRIPHOSPHATE"
3 non-polymer 'MAGNESIUM ION'
4 non-polymer 'POTASSIUM ION'
5 non-polymer "GUANOSINE-5',3'-TETRAPHOSPHATE"
6 non-polymer (4S)-2-METHYL-2,4-PENTANEDIOL
7 water water
#
_entity_poly.entity_id   1
_entity_poly.type   'polyribonucleotide'
_entity_poly.pdbx_seq_one_letter_code
;GUGAAAGUGUACCUAGGGUUCCAGCCUAUUUGUAGGUGUUCGGACCGAGCGGUACAGGUAUAUUUUUAUAUACCACACCU
UAGGGACAAAAGCCCGAGAGGAUAGGUUUCACUCGUA
;
_entity_poly.pdbx_strand_id   A,B,C,D
#
loop_
_chem_comp.id
_chem_comp.type
_chem_comp.name
_chem_comp.formula
A RNA linking ADENOSINE-5'-MONOPHOSPHATE 'C10 H14 N5 O7 P'
C RNA linking CYTIDINE-5'-MONOPHOSPHATE 'C9 H14 N3 O8 P'
G RNA linking GUANOSINE-5'-MONOPHOSPHATE 'C10 H14 N5 O8 P'
G4P RNA linking GUANOSINE-5',3'-TETRAPHOSPHATE 'C10 H17 N5 O17 P4'
GTP non-polymer GUANOSINE-5'-TRIPHOSPHATE 'C10 H16 N5 O14 P3'
K non-polymer 'POTASSIUM ION' 'K 1'
MG non-polymer 'MAGNESIUM ION' 'Mg 2'
MPD non-polymer (4S)-2-METHYL-2,4-PENTANEDIOL 'C6 H14 O2'
U RNA linking URIDINE-5'-MONOPHOSPHATE 'C9 H13 N2 O9 P'
#
# COMPACT_ATOMS: atom_id res chain seq x y z
PG GTP E . 6.16 40.10 -11.72
O1G GTP E . 5.45 41.43 -11.56
O2G GTP E . 7.46 40.22 -12.49
O3G GTP E . 5.26 38.97 -12.18
O3B GTP E . 6.67 39.70 -10.23
PB GTP E . 5.74 39.21 -8.98
O1B GTP E . 4.98 37.96 -9.39
O2B GTP E . 6.54 39.23 -7.70
O3A GTP E . 4.72 40.45 -8.89
PA GTP E . 3.18 40.27 -8.47
O1A GTP E . 2.65 41.69 -8.34
O2A GTP E . 3.12 39.30 -7.30
O5' GTP E . 2.55 39.58 -9.80
C5' GTP E . 1.22 39.07 -9.82
C4' GTP E . 0.26 40.09 -9.21
O4' GTP E . 0.24 41.33 -9.93
C3' GTP E . -1.16 39.56 -9.17
O3' GTP E . -1.52 39.37 -7.81
C2' GTP E . -2.02 40.60 -9.85
O2' GTP E . -2.99 41.16 -8.97
C1' GTP E . -1.08 41.68 -10.40
N9 GTP E . -1.09 41.78 -11.90
C8 GTP E . -0.02 42.11 -12.66
N7 GTP E . -0.32 42.10 -13.99
C5 GTP E . -1.61 41.75 -14.11
C6 GTP E . -2.55 41.56 -15.23
O6 GTP E . -2.16 41.73 -16.41
N1 GTP E . -3.81 41.21 -14.96
C2 GTP E . -4.23 41.03 -13.69
N2 GTP E . -5.52 40.67 -13.46
N3 GTP E . -3.42 41.19 -12.61
C4 GTP E . -2.12 41.56 -12.75
MG MG F . 8.31 10.07 -20.68
MG MG G . 6.61 9.77 -14.86
MG MG H . 24.00 -36.59 -11.02
K K I . 4.34 3.05 -7.28
K K J . 18.71 0.93 -22.34
K K K . 5.31 15.09 -5.72
K K L . -0.80 19.03 -6.91
K K M . 15.09 14.13 -20.20
K K N . 23.01 -19.03 -11.59
K K O . 20.49 -35.59 -12.47
K K P . -2.62 26.23 -14.72
K K Q . -0.46 15.81 -9.32
PB G4P R . 0.71 26.54 -13.28
O1B G4P R . 0.35 27.94 -13.72
O2B G4P R . 1.69 26.51 -12.09
O3B G4P R . 1.03 25.65 -14.44
O3A G4P R . -0.74 25.91 -12.93
PA G4P R . -0.99 25.05 -11.59
O1A G4P R . 0.21 25.31 -10.66
O2A G4P R . -2.36 25.31 -10.97
O5' G4P R . -1.15 23.54 -12.19
C5' G4P R . -0.10 22.69 -12.71
C4' G4P R . -0.11 21.22 -12.20
O4' G4P R . -0.33 20.31 -13.31
C3' G4P R . 1.18 20.80 -11.45
O3' G4P R . 1.09 20.67 -10.04
C2' G4P R . 1.51 19.44 -12.01
O2' G4P R . 1.00 18.43 -11.13
C1' G4P R . 0.79 19.43 -13.35
N9 G4P R . 1.77 19.84 -14.38
C8 G4P R . 1.77 19.31 -15.62
N7 G4P R . 2.81 19.80 -16.38
C5 G4P R . 3.49 20.65 -15.59
C6 G4P R . 4.67 21.49 -15.80
O6 G4P R . 5.21 21.48 -16.92
N1 G4P R . 5.12 22.25 -14.80
C2 G4P R . 4.49 22.24 -13.63
N2 G4P R . 5.04 23.05 -12.69
N3 G4P R . 3.37 21.49 -13.34
C4 G4P R . 2.82 20.69 -14.27
PC G4P R . 2.41 20.64 -9.11
O1C G4P R . 3.44 21.64 -9.61
O2C G4P R . 1.85 20.74 -7.70
O3C G4P R . 3.05 19.20 -9.42
PD G4P R . 2.95 17.98 -8.37
O1D G4P R . 3.78 18.50 -7.21
O2D G4P R . 3.58 16.84 -9.13
O3D G4P R . 1.46 17.80 -8.09
MG MG S . 20.79 -23.50 27.10
MG MG T . 24.09 -23.45 22.00
MG MG U . 34.06 -20.67 20.99
K K V . 17.43 -5.93 23.74
K K W . 0.37 -2.38 15.08
K K X . 35.17 -27.77 18.29
K K Y . 32.38 -29.23 15.56
PB G4P Z . 39.21 -31.58 25.02
O1B G4P Z . 39.88 -32.81 25.58
O2B G4P Z . 40.10 -30.36 24.91
O3B G4P Z . 37.83 -31.34 25.64
O3A G4P Z . 39.09 -31.98 23.48
PA G4P Z . 37.96 -33.05 23.06
O1A G4P Z . 38.58 -33.92 21.99
O2A G4P Z . 37.32 -33.71 24.26
O5' G4P Z . 36.87 -32.07 22.40
C5' G4P Z . 36.57 -30.74 22.89
C4' G4P Z . 35.72 -29.98 21.88
O4' G4P Z . 34.39 -30.51 21.98
C3' G4P Z . 35.68 -28.45 22.06
O3' G4P Z . 36.58 -27.78 21.18
C2' G4P Z . 34.20 -28.14 21.84
O2' G4P Z . 33.91 -27.75 20.49
C1' G4P Z . 33.50 -29.44 22.19
N9 G4P Z . 33.10 -29.37 23.60
C8 G4P Z . 31.94 -29.85 24.05
N7 G4P Z . 31.78 -29.61 25.39
C5 G4P Z . 32.87 -28.96 25.83
C6 G4P Z . 33.35 -28.41 27.13
O6 G4P Z . 32.64 -28.53 28.15
N1 G4P Z . 34.55 -27.79 27.19
C2 G4P Z . 35.31 -27.68 26.07
N2 G4P Z . 36.51 -27.06 26.15
N3 G4P Z . 34.93 -28.18 24.85
C4 G4P Z . 33.75 -28.81 24.65
PC G4P Z . 36.68 -26.20 20.83
O1C G4P Z . 36.79 -26.24 19.32
O2C G4P Z . 37.82 -25.53 21.60
O3C G4P Z . 35.27 -25.57 21.32
PD G4P Z . 34.42 -24.46 20.52
O1D G4P Z . 35.44 -23.67 19.73
O2D G4P Z . 33.36 -25.20 19.70
O3D G4P Z . 33.87 -23.66 21.68
MG MG AA . -24.04 18.97 -19.79
MG MG BA . -20.32 16.86 -24.11
MG MG CA . -35.01 30.66 -30.14
MG MG DA . -31.86 25.65 -35.08
K K EA . -29.54 42.33 -42.28
K K FA . -34.01 23.17 -35.73
K K GA . -30.41 7.82 -5.58
K K HA . -25.21 17.49 -7.68
K K IA . -28.84 15.61 -6.44
K K JA . -25.64 15.96 -3.79
PB G4P KA . -26.74 5.58 -8.13
O1B G4P KA . -25.68 4.66 -7.58
O2B G4P KA . -28.16 5.09 -7.97
O3B G4P KA . -26.33 6.01 -9.53
O3A G4P KA . -26.72 6.84 -7.17
PA G4P KA . -25.29 7.25 -6.55
O1A G4P KA . -25.51 7.43 -5.08
O2A G4P KA . -24.10 6.44 -7.09
O5' G4P KA . -25.12 8.74 -7.10
C5' G4P KA . -25.42 8.99 -8.46
C4' G4P KA . -25.32 10.49 -8.78
O4' G4P KA . -24.10 10.71 -9.51
C3' G4P KA . -26.51 11.03 -9.58
O3' G4P KA . -27.25 12.04 -8.85
C2' G4P KA . -25.90 11.58 -10.84
O2' G4P KA . -26.09 12.99 -10.91
C1' G4P KA . -24.40 11.22 -10.82
N9 G4P KA . -24.02 10.33 -11.97
C8 G4P KA . -22.83 10.35 -12.63
N7 G4P KA . -22.80 9.43 -13.66
C5 G4P KA . -24.01 8.82 -13.68
C6 G4P KA . -24.68 7.78 -14.50
O6 G4P KA . -24.12 7.22 -15.47
N1 G4P KA . -25.91 7.44 -14.18
C2 G4P KA . -26.54 8.03 -13.16
N2 G4P KA . -27.79 7.65 -12.90
N3 G4P KA . -26.02 8.99 -12.34
C4 G4P KA . -24.79 9.42 -12.57
PC G4P KA . -28.64 12.73 -9.35
O1C G4P KA . -28.32 14.19 -9.55
O2C G4P KA . -29.80 12.36 -8.45
O3C G4P KA . -28.85 11.96 -10.75
PD G4P KA . -29.82 12.62 -11.81
O1D G4P KA . -31.10 12.67 -11.01
O2D G4P KA . -29.18 13.96 -12.11
O3D G4P KA . -29.83 11.67 -12.99
C1 MPD LA . -32.21 28.46 -37.54
C2 MPD LA . -32.63 29.90 -37.26
O2 MPD LA . -31.50 30.68 -36.83
CM MPD LA . -33.05 30.44 -38.61
C3 MPD LA . -33.78 29.98 -36.24
C4 MPD LA . -33.51 29.48 -34.79
O4 MPD LA . -32.49 30.21 -34.05
C5 MPD LA . -34.84 29.48 -34.02
MG MG MA . 0.47 -38.93 26.78
MG MG NA . -2.70 -36.24 31.27
K K OA . -9.87 -40.15 30.65
K K PA . 12.60 -54.97 51.95
K K QA . -3.91 -44.07 17.56
K K RA . -0.71 -42.73 17.93
K K SA . 1.48 -38.60 17.34
K K TA . -2.02 -42.68 42.72
K K UA . -1.48 -41.72 26.96
K K VA . -0.88 -53.71 39.63
PB G4P WA . -7.12 -34.62 11.54
O1B G4P WA . -8.18 -33.55 11.48
O2B G4P WA . -7.40 -35.81 10.65
O3B G4P WA . -6.83 -34.99 12.97
O3A G4P WA . -5.71 -33.99 11.03
PA G4P WA . -4.88 -32.88 11.87
O1A G4P WA . -4.22 -31.88 10.94
O2A G4P WA . -5.81 -32.28 12.90
O5' G4P WA . -3.68 -33.75 12.60
C5' G4P WA . -3.85 -34.55 13.80
C4' G4P WA . -2.57 -34.87 14.64
O4' G4P WA . -2.43 -34.01 15.81
C3' G4P WA . -2.52 -36.30 15.21
O3' G4P WA . -1.86 -37.30 14.42
C2' G4P WA . -1.92 -36.17 16.60
O2' G4P WA . -0.49 -36.33 16.62
C1' G4P WA . -2.30 -34.76 17.04
N9 G4P WA . -3.59 -34.72 17.83
C8 G4P WA . -3.80 -34.06 19.01
N7 G4P WA . -5.12 -34.21 19.45
C5 G4P WA . -5.80 -34.97 18.55
C6 G4P WA . -7.22 -35.51 18.40
O6 G4P WA . -8.17 -35.30 19.19
N1 G4P WA . -7.49 -36.24 17.32
C2 G4P WA . -6.49 -36.48 16.42
N2 G4P WA . -6.79 -37.23 15.33
N3 G4P WA . -5.19 -36.03 16.49
C4 G4P WA . -4.78 -35.29 17.51
PC G4P WA . -1.68 -38.87 14.81
O1C G4P WA . -0.61 -38.95 15.86
O2C G4P WA . -1.44 -39.56 13.49
O3C G4P WA . -3.02 -39.46 15.52
PD G4P WA . -4.46 -39.70 14.82
O1D G4P WA . -4.26 -40.39 13.49
O2D G4P WA . -5.30 -40.42 15.85
O3D G4P WA . -4.87 -38.30 14.56
#